data_4QGU
#
_entry.id   4QGU
#
_cell.length_a   85.715
_cell.length_b   91.865
_cell.length_c   69.978
_cell.angle_alpha   90.00
_cell.angle_beta   90.00
_cell.angle_gamma   90.00
#
_symmetry.space_group_name_H-M   'P 21 21 2'
#
loop_
_entity.id
_entity.type
_entity.pdbx_description
1 polymer 'Gamma-interferon-inducible protein 16'
2 polymer "DNA (5'-D(P*AP*GP*GP*CP*CP*GP*GP*CP*GP*TP*GP*A)-3')"
3 water water
#
loop_
_entity_poly.entity_id
_entity_poly.type
_entity_poly.pdbx_seq_one_letter_code
_entity_poly.pdbx_strand_id
1 'polypeptide(L)'
;GSHMQVTPRRNVLQKRPVIVKVLSTTKPFEYETPEMEKKIMFHATVATQTQFFHVKVLNTSLKEKFNGKKIIIISDYLEY
DSLLEVNEESTVSEAGPNQTFEVPNKIINRAKETLKIDILHKQASGNIVYGVFMLHKKTVNQKTTIYEIQDDRGKMDVVG
TGQCHNIPCEEGDKLQLFCFRLRKKNQMSKLISEMHSFIQIKKKTN
;
A,B
2 'polydeoxyribonucleotide' (DA)(DG)(DG)(DC)(DC)(DG)(DG)(DC)(DG)(DT)(DG)(DA) C,D
#
# COMPACT_ATOMS: atom_id res chain seq x y z
N VAL A 12 -17.27 9.91 -15.92
CA VAL A 12 -16.20 10.60 -16.65
C VAL A 12 -16.24 12.11 -16.35
N LEU A 13 -17.15 12.87 -16.95
CA LEU A 13 -17.16 14.32 -16.75
C LEU A 13 -17.82 14.65 -15.43
N GLN A 14 -17.21 15.53 -14.63
CA GLN A 14 -17.86 16.03 -13.42
C GLN A 14 -18.08 17.52 -13.53
N LYS A 15 -19.34 17.92 -13.51
CA LYS A 15 -19.71 19.32 -13.64
C LYS A 15 -19.80 19.95 -12.25
N ARG A 16 -19.59 19.11 -11.24
CA ARG A 16 -19.45 19.56 -9.87
C ARG A 16 -18.08 20.21 -9.75
N PRO A 17 -18.07 21.54 -9.64
CA PRO A 17 -16.82 22.31 -9.70
C PRO A 17 -16.02 22.21 -8.41
N VAL A 18 -14.70 22.27 -8.49
CA VAL A 18 -13.86 22.19 -7.29
C VAL A 18 -13.06 23.46 -7.11
N ILE A 19 -13.06 23.98 -5.89
CA ILE A 19 -12.29 25.17 -5.53
C ILE A 19 -10.99 24.75 -4.87
N VAL A 20 -9.85 25.13 -5.46
CA VAL A 20 -8.57 24.68 -4.94
C VAL A 20 -7.47 25.74 -4.89
N LYS A 21 -6.40 25.36 -4.21
CA LYS A 21 -5.16 26.11 -4.15
C LYS A 21 -4.10 25.26 -4.79
N VAL A 22 -3.40 25.84 -5.76
CA VAL A 22 -2.33 25.14 -6.44
C VAL A 22 -1.06 25.15 -5.58
N LEU A 23 -0.50 23.96 -5.35
CA LEU A 23 0.66 23.82 -4.49
C LEU A 23 1.90 23.71 -5.34
N SER A 24 1.72 23.19 -6.54
CA SER A 24 2.84 22.97 -7.44
C SER A 24 2.37 22.78 -8.88
N THR A 25 3.27 23.16 -9.80
CA THR A 25 3.14 22.82 -11.23
C THR A 25 4.51 22.43 -11.76
N THR A 26 4.54 21.62 -12.79
CA THR A 26 5.78 21.41 -13.52
C THR A 26 5.79 22.38 -14.69
N LYS A 27 6.95 22.56 -15.31
CA LYS A 27 6.97 23.32 -16.56
C LYS A 27 6.23 22.49 -17.61
N PRO A 28 5.70 23.15 -18.64
CA PRO A 28 5.05 22.40 -19.72
C PRO A 28 6.05 21.44 -20.37
N PHE A 29 5.57 20.37 -20.98
CA PHE A 29 6.47 19.44 -21.62
C PHE A 29 5.79 18.72 -22.78
N GLU A 30 6.63 18.20 -23.68
CA GLU A 30 6.19 17.55 -24.91
C GLU A 30 5.99 16.04 -24.71
N TYR A 31 4.89 15.52 -25.23
CA TYR A 31 4.60 14.09 -25.20
C TYR A 31 3.93 13.61 -26.48
N GLU A 32 3.91 12.31 -26.70
CA GLU A 32 3.37 11.73 -27.92
C GLU A 32 2.09 10.92 -27.69
N THR A 33 1.08 11.16 -28.52
CA THR A 33 -0.20 10.43 -28.48
C THR A 33 -0.05 9.09 -29.16
N PRO A 34 -1.01 8.16 -28.98
CA PRO A 34 -0.82 6.90 -29.72
C PRO A 34 -0.94 7.08 -31.24
N GLU A 35 -1.74 8.05 -31.68
CA GLU A 35 -1.83 8.41 -33.11
C GLU A 35 -0.63 9.26 -33.55
N MET A 36 0.42 9.24 -32.75
CA MET A 36 1.72 9.87 -33.04
C MET A 36 1.77 11.42 -33.17
N GLU A 37 0.74 12.12 -32.69
CA GLU A 37 0.83 13.57 -32.64
C GLU A 37 1.62 14.05 -31.41
N LYS A 38 2.57 14.96 -31.63
CA LYS A 38 3.28 15.57 -30.50
C LYS A 38 2.44 16.71 -29.93
N LYS A 39 2.30 16.72 -28.62
CA LYS A 39 1.51 17.72 -27.90
C LYS A 39 2.21 18.17 -26.63
N ILE A 40 1.61 19.13 -25.94
CA ILE A 40 2.21 19.76 -24.77
C ILE A 40 1.22 19.77 -23.61
N MET A 41 1.71 19.51 -22.39
CA MET A 41 0.85 19.51 -21.19
C MET A 41 1.67 19.88 -19.97
N PHE A 42 1.02 19.94 -18.81
CA PHE A 42 1.74 20.02 -17.54
C PHE A 42 1.01 19.40 -16.35
N HIS A 43 1.77 18.96 -15.36
CA HIS A 43 1.20 18.40 -14.14
C HIS A 43 1.01 19.47 -13.07
N ALA A 44 0.08 19.24 -12.16
CA ALA A 44 -0.14 20.16 -11.06
C ALA A 44 -0.59 19.37 -9.84
N THR A 45 -0.38 19.95 -8.68
CA THR A 45 -0.84 19.42 -7.43
C THR A 45 -1.77 20.43 -6.82
N VAL A 46 -2.93 20.01 -6.38
CA VAL A 46 -3.93 20.92 -5.85
C VAL A 46 -4.54 20.47 -4.53
N ALA A 47 -5.14 21.39 -3.81
CA ALA A 47 -5.70 21.05 -2.51
C ALA A 47 -6.94 21.83 -2.16
N THR A 48 -7.73 21.28 -1.27
CA THR A 48 -8.83 21.97 -0.68
C THR A 48 -8.65 21.88 0.78
N GLN A 49 -9.70 22.19 1.51
CA GLN A 49 -9.70 21.96 2.94
C GLN A 49 -9.61 20.48 3.23
N THR A 50 -10.36 19.70 2.45
CA THR A 50 -10.45 18.26 2.63
C THR A 50 -9.29 17.33 2.19
N GLN A 51 -8.83 17.46 0.96
CA GLN A 51 -7.85 16.53 0.41
C GLN A 51 -7.18 17.06 -0.85
N PHE A 52 -6.12 16.43 -1.29
CA PHE A 52 -5.35 17.01 -2.38
C PHE A 52 -5.53 16.16 -3.64
N PHE A 53 -5.17 16.71 -4.78
CA PHE A 53 -5.32 16.02 -6.06
C PHE A 53 -4.12 16.21 -6.95
N HIS A 54 -3.75 15.17 -7.67
CA HIS A 54 -2.85 15.32 -8.79
C HIS A 54 -3.74 15.68 -9.99
N VAL A 55 -3.23 16.56 -10.83
CA VAL A 55 -3.99 17.09 -11.94
C VAL A 55 -3.13 17.04 -13.19
N LYS A 56 -3.69 16.49 -14.26
CA LYS A 56 -3.08 16.58 -15.57
C LYS A 56 -3.75 17.73 -16.30
N VAL A 57 -2.98 18.72 -16.74
CA VAL A 57 -3.56 19.82 -17.51
C VAL A 57 -3.07 19.75 -18.93
N LEU A 58 -3.97 19.39 -19.86
CA LEU A 58 -3.57 19.20 -21.26
C LEU A 58 -3.66 20.51 -22.04
N ASN A 59 -4.42 21.45 -21.50
CA ASN A 59 -4.49 22.78 -22.07
C ASN A 59 -3.45 23.73 -21.49
N THR A 60 -2.29 23.78 -22.12
CA THR A 60 -1.15 24.54 -21.59
C THR A 60 -1.35 26.07 -21.55
N SER A 61 -2.46 26.55 -22.11
CA SER A 61 -2.75 27.97 -22.07
C SER A 61 -3.35 28.34 -20.73
N LEU A 62 -3.33 27.39 -19.80
CA LEU A 62 -3.87 27.61 -18.47
C LEU A 62 -2.75 27.70 -17.44
N LYS A 63 -1.50 27.69 -17.92
CA LYS A 63 -0.35 27.73 -17.03
C LYS A 63 -0.43 28.86 -16.03
N GLU A 64 -0.78 30.05 -16.51
CA GLU A 64 -0.89 31.20 -15.62
C GLU A 64 -1.99 31.02 -14.57
N LYS A 65 -3.12 30.46 -14.95
CA LYS A 65 -4.20 30.25 -13.98
C LYS A 65 -3.76 29.30 -12.87
N PHE A 66 -2.72 28.53 -13.16
CA PHE A 66 -2.18 27.54 -12.25
C PHE A 66 -0.87 28.04 -11.63
N ASN A 67 -0.65 29.35 -11.66
CA ASN A 67 0.60 29.91 -11.14
C ASN A 67 0.68 29.82 -9.64
N GLY A 68 -0.49 29.89 -9.00
CA GLY A 68 -0.59 29.50 -7.61
C GLY A 68 -0.74 30.70 -6.71
N LYS A 69 -0.90 31.86 -7.32
CA LYS A 69 -1.05 33.07 -6.55
C LYS A 69 -2.50 33.19 -6.16
N LYS A 70 -3.32 32.50 -6.95
CA LYS A 70 -4.76 32.62 -6.85
C LYS A 70 -5.35 31.32 -6.31
N ILE A 71 -6.63 31.37 -6.02
CA ILE A 71 -7.43 30.20 -5.69
C ILE A 71 -8.43 30.05 -6.81
N ILE A 72 -8.52 28.85 -7.39
CA ILE A 72 -9.25 28.71 -8.65
C ILE A 72 -10.41 27.72 -8.57
N ILE A 73 -11.29 27.79 -9.57
CA ILE A 73 -12.46 26.93 -9.67
C ILE A 73 -12.44 26.20 -11.01
N ILE A 74 -12.59 24.89 -10.94
CA ILE A 74 -12.44 24.03 -12.12
C ILE A 74 -13.74 23.29 -12.34
N SER A 75 -14.15 23.16 -13.59
CA SER A 75 -15.34 22.40 -13.93
C SER A 75 -15.16 21.68 -15.27
N ASP A 76 -16.06 20.73 -15.55
CA ASP A 76 -15.99 19.92 -16.76
C ASP A 76 -14.66 19.20 -16.87
N TYR A 77 -14.18 18.74 -15.71
CA TYR A 77 -12.95 17.98 -15.67
C TYR A 77 -13.23 16.48 -15.61
N LEU A 78 -12.23 15.67 -15.94
CA LEU A 78 -12.40 14.22 -15.84
C LEU A 78 -11.79 13.75 -14.55
N GLU A 79 -12.44 12.77 -13.94
CA GLU A 79 -11.94 12.17 -12.72
C GLU A 79 -11.76 10.69 -12.95
N TYR A 80 -10.50 10.25 -12.96
CA TYR A 80 -10.21 8.83 -13.09
C TYR A 80 -8.85 8.51 -12.49
N ASP A 81 -8.69 7.27 -12.07
CA ASP A 81 -7.43 6.79 -11.54
C ASP A 81 -7.03 7.61 -10.32
N SER A 82 -8.03 8.16 -9.63
CA SER A 82 -7.83 9.02 -8.47
C SER A 82 -7.12 10.34 -8.79
N LEU A 83 -7.24 10.80 -10.03
CA LEU A 83 -6.76 12.13 -10.39
C LEU A 83 -7.78 12.90 -11.23
N LEU A 84 -7.41 14.13 -11.53
CA LEU A 84 -8.23 15.02 -12.34
C LEU A 84 -7.54 15.30 -13.66
N GLU A 85 -8.27 15.28 -14.74
CA GLU A 85 -7.74 15.74 -15.98
C GLU A 85 -8.47 16.96 -16.42
N VAL A 86 -7.73 18.02 -16.65
CA VAL A 86 -8.31 19.26 -17.13
C VAL A 86 -7.76 19.46 -18.51
N ASN A 87 -8.66 19.65 -19.46
CA ASN A 87 -8.34 19.72 -20.85
C ASN A 87 -9.08 20.83 -21.53
N GLU A 88 -9.04 20.83 -22.84
CA GLU A 88 -9.59 21.91 -23.61
C GLU A 88 -11.07 22.10 -23.38
N GLU A 89 -11.78 21.04 -23.06
CA GLU A 89 -13.22 21.10 -22.88
C GLU A 89 -13.60 21.48 -21.45
N SER A 90 -12.60 21.67 -20.61
CA SER A 90 -12.82 22.05 -19.21
C SER A 90 -12.82 23.58 -19.01
N THR A 91 -13.47 24.05 -17.95
CA THR A 91 -13.50 25.47 -17.66
C THR A 91 -12.80 25.81 -16.35
N VAL A 92 -11.78 26.65 -16.42
CA VAL A 92 -11.08 27.11 -15.22
C VAL A 92 -11.26 28.62 -15.06
N SER A 93 -11.69 29.04 -13.86
CA SER A 93 -11.90 30.45 -13.55
C SER A 93 -11.40 30.79 -12.15
N GLU A 94 -11.51 32.05 -11.75
CA GLU A 94 -10.98 32.48 -10.46
C GLU A 94 -12.08 32.61 -9.41
N ALA A 95 -11.71 32.41 -8.15
CA ALA A 95 -12.68 32.44 -7.05
C ALA A 95 -12.74 33.82 -6.43
N GLY A 96 -13.89 34.17 -5.86
CA GLY A 96 -14.07 35.48 -5.28
C GLY A 96 -13.39 35.55 -3.93
N PRO A 97 -13.65 36.65 -3.20
CA PRO A 97 -12.90 37.02 -1.99
C PRO A 97 -13.30 36.25 -0.75
N ASN A 98 -14.49 35.67 -0.80
CA ASN A 98 -15.04 34.94 0.34
C ASN A 98 -14.88 33.45 0.19
N GLN A 99 -14.55 33.01 -1.03
CA GLN A 99 -14.30 31.60 -1.32
C GLN A 99 -12.86 31.24 -1.01
N THR A 100 -12.16 32.17 -0.37
CA THR A 100 -10.77 31.96 0.00
C THR A 100 -10.66 31.03 1.20
N PHE A 101 -9.45 30.50 1.38
CA PHE A 101 -9.13 29.49 2.39
C PHE A 101 -7.64 29.16 2.40
N GLU A 102 -7.18 28.58 3.50
CA GLU A 102 -5.81 28.11 3.60
C GLU A 102 -5.84 26.61 3.85
N VAL A 103 -4.79 25.90 3.44
CA VAL A 103 -4.82 24.45 3.52
C VAL A 103 -3.92 24.06 4.70
N PRO A 104 -4.46 23.19 5.60
CA PRO A 104 -3.76 22.70 6.80
C PRO A 104 -2.41 22.05 6.45
N ASN A 105 -1.38 22.28 7.26
CA ASN A 105 -0.06 21.74 6.97
C ASN A 105 -0.09 20.22 6.91
N LYS A 106 -1.08 19.66 7.61
CA LYS A 106 -1.43 18.25 7.54
C LYS A 106 -1.57 17.82 6.06
N ILE A 107 -2.43 18.52 5.34
CA ILE A 107 -2.71 18.20 3.94
C ILE A 107 -1.52 18.46 3.03
N ILE A 108 -0.82 19.58 3.25
CA ILE A 108 0.37 19.92 2.47
C ILE A 108 1.39 18.79 2.57
N ASN A 109 1.67 18.40 3.82
CA ASN A 109 2.64 17.33 4.07
C ASN A 109 2.20 15.99 3.50
N ARG A 110 0.91 15.69 3.61
CA ARG A 110 0.37 14.48 2.99
C ARG A 110 0.54 14.48 1.46
N ALA A 111 0.32 15.64 0.86
CA ALA A 111 0.48 15.80 -0.57
C ALA A 111 1.93 15.59 -0.93
N LYS A 112 2.81 15.89 0.03
CA LYS A 112 4.24 15.71 -0.19
C LYS A 112 4.73 14.29 0.15
N GLU A 113 3.88 13.47 0.78
CA GLU A 113 4.28 12.12 1.19
C GLU A 113 4.70 11.22 0.02
N THR A 114 5.73 10.41 0.26
CA THR A 114 6.13 9.40 -0.70
C THR A 114 6.06 8.04 -0.03
N LEU A 115 5.40 7.11 -0.70
CA LEU A 115 5.15 5.78 -0.19
C LEU A 115 6.44 4.95 -0.09
N LYS A 116 6.47 4.00 0.84
CA LYS A 116 7.61 3.10 0.95
C LYS A 116 7.53 2.04 -0.14
N ILE A 117 8.67 1.68 -0.70
CA ILE A 117 8.69 0.82 -1.88
C ILE A 117 8.12 -0.58 -1.63
N ASP A 118 8.38 -1.13 -0.45
CA ASP A 118 7.85 -2.44 -0.13
C ASP A 118 6.32 -2.43 -0.15
N ILE A 119 5.74 -1.29 0.21
CA ILE A 119 4.29 -1.14 0.15
C ILE A 119 3.85 -0.98 -1.29
N LEU A 120 4.60 -0.22 -2.08
CA LEU A 120 4.30 -0.10 -3.51
C LEU A 120 4.21 -1.47 -4.21
N HIS A 121 5.17 -2.35 -3.97
CA HIS A 121 5.12 -3.71 -4.51
C HIS A 121 3.79 -4.43 -4.21
N LYS A 122 3.11 -4.06 -3.12
CA LYS A 122 1.85 -4.72 -2.75
C LYS A 122 0.60 -3.97 -3.22
N GLN A 123 0.80 -2.90 -3.99
CA GLN A 123 -0.30 -2.07 -4.49
C GLN A 123 -1.01 -2.76 -5.66
N ALA A 124 -2.27 -2.42 -5.86
CA ALA A 124 -3.05 -3.02 -6.94
C ALA A 124 -2.51 -2.60 -8.32
N SER A 125 -2.43 -3.58 -9.21
CA SER A 125 -2.06 -3.36 -10.60
C SER A 125 -2.97 -2.32 -11.28
N GLY A 126 -2.37 -1.37 -11.99
CA GLY A 126 -3.17 -0.37 -12.66
C GLY A 126 -3.21 0.96 -11.90
N ASN A 127 -2.77 0.94 -10.66
CA ASN A 127 -2.67 2.17 -9.88
C ASN A 127 -1.75 3.17 -10.53
N ILE A 128 -2.10 4.45 -10.36
CA ILE A 128 -1.26 5.54 -10.78
C ILE A 128 -0.43 5.98 -9.58
N VAL A 129 0.86 6.16 -9.81
CA VAL A 129 1.80 6.47 -8.75
C VAL A 129 2.58 7.75 -9.04
N TYR A 130 2.63 8.62 -8.03
CA TYR A 130 3.47 9.82 -8.02
C TYR A 130 4.38 9.63 -6.82
N GLY A 131 5.60 10.17 -6.87
CA GLY A 131 6.47 10.13 -5.71
C GLY A 131 7.89 10.56 -6.00
N VAL A 132 8.67 10.68 -4.93
CA VAL A 132 10.08 11.03 -4.99
C VAL A 132 10.91 9.89 -4.44
N PHE A 133 11.90 9.44 -5.21
CA PHE A 133 12.69 8.29 -4.75
C PHE A 133 14.16 8.47 -5.03
N MET A 134 14.99 7.76 -4.29
CA MET A 134 16.42 7.84 -4.46
C MET A 134 16.81 6.86 -5.56
N LEU A 135 17.57 7.34 -6.53
CA LEU A 135 18.08 6.48 -7.59
C LEU A 135 19.28 5.69 -7.11
N HIS A 136 19.24 4.37 -7.34
CA HIS A 136 20.35 3.51 -6.94
C HIS A 136 21.17 3.10 -8.14
N LYS A 137 20.51 2.94 -9.28
CA LYS A 137 21.12 2.35 -10.47
C LYS A 137 20.24 2.65 -11.67
N LYS A 138 20.85 2.80 -12.83
CA LYS A 138 20.13 3.16 -14.04
C LYS A 138 20.73 2.40 -15.22
N THR A 139 19.88 1.95 -16.13
CA THR A 139 20.33 1.22 -17.31
C THR A 139 19.64 1.80 -18.55
N VAL A 140 20.41 2.52 -19.36
CA VAL A 140 19.90 3.11 -20.59
C VAL A 140 19.99 2.12 -21.74
N ASN A 141 18.85 1.58 -22.17
CA ASN A 141 18.78 0.80 -23.39
C ASN A 141 18.44 1.71 -24.57
N GLN A 142 18.12 1.13 -25.73
CA GLN A 142 17.88 1.91 -26.95
C GLN A 142 16.64 2.81 -26.89
N LYS A 143 15.49 2.22 -26.60
CA LYS A 143 14.22 2.96 -26.54
C LYS A 143 13.67 3.15 -25.10
N THR A 144 14.20 2.36 -24.17
CA THR A 144 13.71 2.29 -22.81
C THR A 144 14.87 2.50 -21.84
N THR A 145 14.54 3.00 -20.64
CA THR A 145 15.52 3.19 -19.57
C THR A 145 15.02 2.56 -18.28
N ILE A 146 15.76 1.60 -17.72
CA ILE A 146 15.38 1.01 -16.43
C ILE A 146 16.06 1.77 -15.28
N TYR A 147 15.30 2.60 -14.58
CA TYR A 147 15.84 3.31 -13.43
C TYR A 147 15.56 2.44 -12.21
N GLU A 148 16.59 2.02 -11.49
CA GLU A 148 16.32 1.26 -10.28
C GLU A 148 16.20 2.20 -9.07
N ILE A 149 15.02 2.32 -8.49
CA ILE A 149 14.83 3.12 -7.27
C ILE A 149 14.92 2.36 -5.95
N GLN A 150 15.41 3.04 -4.93
CA GLN A 150 15.66 2.45 -3.63
C GLN A 150 15.24 3.29 -2.42
N ASP A 151 14.99 2.61 -1.31
CA ASP A 151 14.82 3.19 0.01
C ASP A 151 15.17 2.12 1.01
N ASP A 152 15.07 2.40 2.29
CA ASP A 152 15.42 1.42 3.30
C ASP A 152 14.57 0.15 3.29
N ARG A 153 13.33 0.29 2.87
CA ARG A 153 12.39 -0.81 2.62
C ARG A 153 12.59 -1.83 1.49
N GLY A 154 13.12 -1.44 0.34
CA GLY A 154 13.13 -2.26 -0.84
C GLY A 154 13.63 -1.50 -2.06
N LYS A 155 13.46 -2.11 -3.22
CA LYS A 155 13.83 -1.48 -4.48
C LYS A 155 12.83 -1.85 -5.57
N MET A 156 12.86 -1.11 -6.68
CA MET A 156 11.88 -1.33 -7.72
C MET A 156 12.35 -0.74 -9.03
N ASP A 157 11.87 -1.30 -10.14
CA ASP A 157 12.24 -0.83 -11.46
C ASP A 157 11.24 0.21 -11.89
N VAL A 158 11.75 1.25 -12.51
CA VAL A 158 10.92 2.25 -13.14
C VAL A 158 11.28 2.18 -14.61
N VAL A 159 10.32 1.76 -15.44
CA VAL A 159 10.55 1.62 -16.87
C VAL A 159 10.16 2.92 -17.57
N GLY A 160 11.14 3.61 -18.15
CA GLY A 160 10.84 4.87 -18.79
C GLY A 160 11.00 4.84 -20.30
N THR A 161 9.95 5.22 -21.02
CA THR A 161 10.03 5.42 -22.48
C THR A 161 9.56 6.81 -22.84
N GLY A 162 9.69 7.16 -24.12
CA GLY A 162 9.27 8.47 -24.60
C GLY A 162 9.97 9.60 -23.87
N GLN A 163 9.20 10.56 -23.39
CA GLN A 163 9.80 11.65 -22.64
C GLN A 163 10.48 11.17 -21.34
N CYS A 164 10.22 9.95 -20.90
CA CYS A 164 10.86 9.44 -19.67
C CYS A 164 12.06 8.53 -19.94
N HIS A 165 12.43 8.43 -21.21
CA HIS A 165 13.60 7.67 -21.60
C HIS A 165 14.87 8.52 -21.56
N ASN A 166 15.96 7.93 -21.10
CA ASN A 166 17.32 8.49 -21.22
C ASN A 166 17.54 9.83 -20.53
N ILE A 167 16.81 10.07 -19.47
CA ILE A 167 16.99 11.26 -18.68
C ILE A 167 18.33 11.21 -17.97
N PRO A 168 19.02 12.43 -17.92
CA PRO A 168 20.31 12.35 -17.23
C PRO A 168 20.14 12.39 -15.74
N CYS A 169 20.75 11.45 -15.05
CA CYS A 169 20.71 11.38 -13.61
C CYS A 169 21.79 10.42 -13.21
N GLU A 170 22.22 10.46 -11.97
CA GLU A 170 23.21 9.54 -11.49
C GLU A 170 22.83 9.01 -10.12
N GLU A 171 23.51 8.00 -9.64
CA GLU A 171 23.16 7.43 -8.37
C GLU A 171 23.23 8.48 -7.29
N GLY A 172 22.21 8.49 -6.43
CA GLY A 172 22.11 9.42 -5.34
C GLY A 172 21.24 10.61 -5.65
N ASP A 173 20.99 10.87 -6.94
CA ASP A 173 19.98 11.83 -7.34
C ASP A 173 18.62 11.32 -6.93
N LYS A 174 17.69 12.23 -6.72
CA LYS A 174 16.32 11.86 -6.42
C LYS A 174 15.45 12.11 -7.65
N LEU A 175 14.65 11.12 -8.02
CA LEU A 175 13.77 11.25 -9.17
C LEU A 175 12.37 11.47 -8.68
N GLN A 176 11.74 12.49 -9.23
CA GLN A 176 10.35 12.73 -8.97
C GLN A 176 9.51 12.24 -10.13
N LEU A 177 8.61 11.32 -9.80
CA LEU A 177 7.83 10.63 -10.81
C LEU A 177 6.43 11.18 -10.85
N PHE A 178 5.88 11.30 -12.05
CA PHE A 178 4.52 11.80 -12.23
C PHE A 178 3.73 10.86 -13.13
N CYS A 179 2.66 10.29 -12.59
CA CYS A 179 1.65 9.57 -13.37
C CYS A 179 2.21 8.30 -14.03
N PHE A 180 2.98 7.53 -13.27
CA PHE A 180 3.47 6.26 -13.77
C PHE A 180 2.44 5.18 -13.45
N ARG A 181 2.40 4.15 -14.29
CA ARG A 181 1.43 3.06 -14.10
C ARG A 181 2.10 1.88 -13.44
N LEU A 182 1.47 1.37 -12.39
CA LEU A 182 2.02 0.21 -11.70
C LEU A 182 1.56 -1.05 -12.41
N ARG A 183 2.51 -1.90 -12.78
CA ARG A 183 2.20 -3.10 -13.53
C ARG A 183 2.82 -4.32 -12.86
N LYS A 184 2.20 -5.48 -13.01
CA LYS A 184 2.74 -6.72 -12.45
C LYS A 184 3.07 -7.67 -13.59
N LYS A 185 4.21 -8.32 -13.50
CA LYS A 185 4.52 -9.38 -14.44
C LYS A 185 5.41 -10.32 -13.69
N ASN A 186 5.07 -11.60 -13.81
CA ASN A 186 5.72 -12.64 -13.06
C ASN A 186 5.73 -12.37 -11.57
N GLN A 187 4.61 -11.84 -11.06
CA GLN A 187 4.48 -11.51 -9.65
C GLN A 187 5.45 -10.44 -9.18
N MET A 188 5.93 -9.61 -10.09
CA MET A 188 6.80 -8.53 -9.66
C MET A 188 6.24 -7.21 -10.17
N SER A 189 6.29 -6.21 -9.30
CA SER A 189 5.74 -4.88 -9.58
C SER A 189 6.79 -4.05 -10.26
N LYS A 190 6.35 -3.24 -11.21
CA LYS A 190 7.18 -2.21 -11.81
C LYS A 190 6.35 -0.96 -12.00
N LEU A 191 7.01 0.17 -12.19
CA LEU A 191 6.34 1.40 -12.52
C LEU A 191 6.61 1.66 -14.00
N ILE A 192 5.54 1.72 -14.80
CA ILE A 192 5.70 1.90 -16.23
C ILE A 192 5.34 3.32 -16.66
N SER A 193 6.27 3.97 -17.38
CA SER A 193 6.04 5.32 -17.92
C SER A 193 4.96 5.24 -18.97
N GLU A 194 4.08 6.23 -18.99
CA GLU A 194 3.00 6.29 -19.99
C GLU A 194 2.95 7.64 -20.72
N MET A 195 1.93 7.80 -21.54
CA MET A 195 1.71 8.99 -22.37
C MET A 195 1.91 10.31 -21.60
N HIS A 196 1.28 10.42 -20.43
CA HIS A 196 1.31 11.68 -19.70
C HIS A 196 2.31 11.63 -18.57
N SER A 197 3.18 10.64 -18.59
CA SER A 197 4.14 10.46 -17.51
C SER A 197 5.29 11.46 -17.58
N PHE A 198 5.90 11.76 -16.44
CA PHE A 198 7.00 12.75 -16.42
C PHE A 198 8.03 12.39 -15.35
N ILE A 199 9.30 12.69 -15.61
CA ILE A 199 10.33 12.48 -14.58
C ILE A 199 11.24 13.70 -14.44
N GLN A 200 11.27 14.32 -13.26
CA GLN A 200 12.27 15.38 -13.07
C GLN A 200 13.26 15.02 -11.97
N ILE A 201 14.48 15.55 -12.06
CA ILE A 201 15.57 15.21 -11.15
C ILE A 201 15.69 16.25 -10.04
N LYS A 202 16.21 15.83 -8.89
CA LYS A 202 16.59 16.76 -7.82
C LYS A 202 17.98 16.39 -7.30
N ASN B 11 2.34 -25.31 -4.42
CA ASN B 11 3.41 -24.73 -3.62
C ASN B 11 3.94 -25.71 -2.58
N VAL B 12 5.25 -25.81 -2.46
CA VAL B 12 5.87 -26.83 -1.63
C VAL B 12 6.89 -26.34 -0.63
N LEU B 13 7.21 -27.25 0.27
CA LEU B 13 7.98 -26.96 1.42
C LEU B 13 9.41 -26.64 1.12
N GLN B 14 10.01 -25.85 1.99
CA GLN B 14 11.42 -25.52 1.91
C GLN B 14 12.14 -26.15 3.07
N LYS B 15 13.02 -27.09 2.78
CA LYS B 15 13.78 -27.75 3.83
C LYS B 15 15.07 -27.05 4.24
N ARG B 16 15.35 -25.92 3.60
CA ARG B 16 16.46 -25.07 4.01
C ARG B 16 16.12 -24.44 5.35
N PRO B 17 16.81 -24.90 6.43
CA PRO B 17 16.42 -24.52 7.80
C PRO B 17 16.84 -23.09 8.15
N VAL B 18 16.01 -22.40 8.93
CA VAL B 18 16.23 -21.00 9.29
C VAL B 18 16.33 -20.78 10.79
N ILE B 19 17.25 -19.94 11.20
CA ILE B 19 17.33 -19.55 12.61
C ILE B 19 16.62 -18.21 12.81
N VAL B 20 15.60 -18.21 13.67
CA VAL B 20 14.81 -17.00 13.89
C VAL B 20 14.60 -16.76 15.38
N LYS B 21 14.13 -15.57 15.71
CA LYS B 21 13.76 -15.21 17.07
C LYS B 21 12.28 -14.85 17.17
N VAL B 22 11.60 -15.44 18.14
CA VAL B 22 10.19 -15.17 18.38
C VAL B 22 9.97 -13.81 19.04
N LEU B 23 9.09 -13.02 18.46
CA LEU B 23 8.75 -11.69 18.96
C LEU B 23 7.39 -11.72 19.66
N SER B 24 6.48 -12.55 19.17
CA SER B 24 5.11 -12.59 19.67
C SER B 24 4.43 -13.91 19.34
N THR B 25 3.43 -14.27 20.14
CA THR B 25 2.53 -15.37 19.83
C THR B 25 1.12 -14.92 20.19
N THR B 26 0.11 -15.49 19.55
CA THR B 26 -1.25 -15.31 20.03
C THR B 26 -1.50 -16.53 20.89
N LYS B 27 -2.55 -16.50 21.71
CA LYS B 27 -3.00 -17.70 22.42
C LYS B 27 -3.53 -18.73 21.41
N PRO B 28 -3.53 -20.03 21.78
CA PRO B 28 -4.10 -21.02 20.87
C PRO B 28 -5.58 -20.73 20.61
N PHE B 29 -6.09 -21.14 19.46
CA PHE B 29 -7.50 -20.91 19.16
C PHE B 29 -8.07 -21.99 18.23
N GLU B 30 -9.39 -22.13 18.26
CA GLU B 30 -10.08 -23.16 17.50
C GLU B 30 -10.53 -22.66 16.14
N TYR B 31 -10.32 -23.49 15.13
CA TYR B 31 -10.78 -23.21 13.78
C TYR B 31 -11.28 -24.48 13.11
N GLU B 32 -12.06 -24.33 12.05
CA GLU B 32 -12.63 -25.49 11.35
C GLU B 32 -12.08 -25.58 9.92
N THR B 33 -11.75 -26.80 9.51
CA THR B 33 -11.29 -27.10 8.16
C THR B 33 -12.49 -27.16 7.24
N PRO B 34 -12.27 -27.10 5.91
CA PRO B 34 -13.44 -27.25 5.04
C PRO B 34 -14.05 -28.65 5.17
N GLU B 35 -13.21 -29.64 5.49
CA GLU B 35 -13.68 -30.99 5.74
C GLU B 35 -14.30 -31.15 7.14
N MET B 36 -14.60 -30.02 7.77
CA MET B 36 -15.32 -29.96 9.05
C MET B 36 -14.59 -30.56 10.25
N GLU B 37 -13.27 -30.71 10.13
CA GLU B 37 -12.46 -31.16 11.26
C GLU B 37 -12.19 -30.00 12.20
N LYS B 38 -12.39 -30.23 13.49
CA LYS B 38 -12.14 -29.22 14.50
C LYS B 38 -10.66 -29.23 14.85
N LYS B 39 -10.01 -28.06 14.82
CA LYS B 39 -8.56 -27.99 15.12
C LYS B 39 -8.12 -26.74 15.89
N ILE B 40 -6.86 -26.76 16.31
CA ILE B 40 -6.28 -25.73 17.17
C ILE B 40 -4.97 -25.22 16.59
N MET B 41 -4.75 -23.91 16.62
CA MET B 41 -3.50 -23.36 16.10
C MET B 41 -3.12 -22.07 16.82
N PHE B 42 -1.98 -21.49 16.46
CA PHE B 42 -1.66 -20.15 16.94
C PHE B 42 -0.79 -19.34 15.96
N HIS B 43 -0.94 -18.03 16.00
CA HIS B 43 -0.13 -17.19 15.16
C HIS B 43 1.10 -16.76 15.94
N ALA B 44 2.17 -16.49 15.21
CA ALA B 44 3.39 -16.03 15.82
C ALA B 44 4.09 -15.10 14.86
N THR B 45 4.98 -14.29 15.39
CA THR B 45 5.80 -13.42 14.57
C THR B 45 7.25 -13.67 14.91
N VAL B 46 8.10 -13.92 13.93
CA VAL B 46 9.50 -14.18 14.20
C VAL B 46 10.43 -13.30 13.37
N ALA B 47 11.67 -13.19 13.79
CA ALA B 47 12.61 -12.35 13.07
C ALA B 47 14.02 -12.89 12.90
N THR B 48 14.61 -12.57 11.77
CA THR B 48 16.03 -12.66 11.58
C THR B 48 16.58 -11.27 11.86
N GLN B 49 17.88 -11.11 11.75
CA GLN B 49 18.46 -9.79 11.88
C GLN B 49 17.97 -8.86 10.78
N THR B 50 17.81 -9.39 9.58
CA THR B 50 17.37 -8.58 8.47
C THR B 50 15.88 -8.55 8.14
N GLN B 51 15.12 -9.55 8.53
CA GLN B 51 13.72 -9.61 8.11
C GLN B 51 12.79 -10.15 9.15
N PHE B 52 11.51 -9.90 9.00
CA PHE B 52 10.57 -10.63 9.84
C PHE B 52 9.56 -11.46 9.04
N PHE B 53 8.90 -12.39 9.73
CA PHE B 53 7.91 -13.26 9.13
C PHE B 53 6.70 -13.46 10.06
N HIS B 54 5.51 -13.48 9.46
CA HIS B 54 4.33 -13.97 10.15
C HIS B 54 4.35 -15.47 9.98
N VAL B 55 3.97 -16.19 11.02
CA VAL B 55 4.05 -17.63 11.02
C VAL B 55 2.76 -18.22 11.55
N LYS B 56 2.20 -19.16 10.80
CA LYS B 56 1.08 -19.91 11.29
C LYS B 56 1.64 -21.20 11.86
N VAL B 57 1.36 -21.46 13.13
CA VAL B 57 1.78 -22.73 13.73
C VAL B 57 0.56 -23.59 13.96
N LEU B 58 0.46 -24.64 13.14
CA LEU B 58 -0.65 -25.58 13.18
C LEU B 58 -0.37 -26.76 14.11
N ASN B 59 0.91 -27.02 14.38
CA ASN B 59 1.31 -28.03 15.33
C ASN B 59 1.41 -27.36 16.69
N THR B 60 0.30 -27.32 17.39
CA THR B 60 0.21 -26.55 18.61
C THR B 60 1.03 -27.12 19.76
N SER B 61 1.66 -28.28 19.55
CA SER B 61 2.49 -28.88 20.59
C SER B 61 3.84 -28.20 20.68
N LEU B 62 4.02 -27.14 19.91
CA LEU B 62 5.26 -26.38 19.98
C LEU B 62 5.08 -25.04 20.64
N LYS B 63 3.89 -24.79 21.16
CA LYS B 63 3.57 -23.48 21.67
C LYS B 63 4.54 -23.12 22.76
N GLU B 64 4.94 -24.10 23.53
CA GLU B 64 5.91 -23.85 24.56
C GLU B 64 7.19 -23.37 23.93
N LYS B 65 7.57 -23.95 22.80
CA LYS B 65 8.79 -23.55 22.14
C LYS B 65 8.76 -22.13 21.57
N PHE B 66 7.56 -21.62 21.36
CA PHE B 66 7.40 -20.32 20.78
C PHE B 66 7.18 -19.16 21.73
N ASN B 67 7.23 -19.37 23.04
CA ASN B 67 7.34 -18.23 23.94
C ASN B 67 8.61 -18.29 24.74
N GLY B 68 9.12 -19.51 24.91
CA GLY B 68 10.47 -19.74 25.37
C GLY B 68 11.00 -21.06 24.85
N LYS B 69 12.25 -21.11 24.41
CA LYS B 69 13.09 -19.94 24.24
C LYS B 69 12.70 -19.12 23.03
N LYS B 70 13.12 -17.87 23.05
CA LYS B 70 12.92 -16.94 21.95
C LYS B 70 13.63 -17.39 20.68
N ILE B 71 14.76 -18.07 20.83
CA ILE B 71 15.59 -18.44 19.71
C ILE B 71 15.36 -19.87 19.22
N ILE B 72 15.07 -20.04 17.93
CA ILE B 72 14.71 -21.35 17.36
C ILE B 72 15.22 -21.59 15.93
N ILE B 73 15.19 -22.85 15.50
CA ILE B 73 15.57 -23.23 14.14
C ILE B 73 14.42 -24.01 13.49
N ILE B 74 13.99 -23.56 12.31
CA ILE B 74 12.81 -24.12 11.68
C ILE B 74 13.14 -24.71 10.31
N SER B 75 12.57 -25.87 9.99
CA SER B 75 12.75 -26.48 8.66
C SER B 75 11.48 -27.17 8.21
N ASP B 76 11.42 -27.51 6.93
CA ASP B 76 10.26 -28.19 6.35
C ASP B 76 8.95 -27.43 6.60
N TYR B 77 9.06 -26.12 6.54
CA TYR B 77 7.92 -25.25 6.66
C TYR B 77 7.49 -24.83 5.26
N LEU B 78 6.27 -24.33 5.13
CA LEU B 78 5.79 -23.83 3.85
C LEU B 78 5.92 -22.31 3.82
N GLU B 79 6.18 -21.78 2.63
CA GLU B 79 6.26 -20.34 2.45
C GLU B 79 5.30 -19.90 1.35
N TYR B 80 4.26 -19.14 1.73
CA TYR B 80 3.32 -18.60 0.77
C TYR B 80 2.64 -17.37 1.36
N ASP B 81 2.11 -16.49 0.50
CA ASP B 81 1.37 -15.31 0.96
C ASP B 81 2.21 -14.39 1.86
N SER B 82 3.53 -14.42 1.66
CA SER B 82 4.50 -13.64 2.45
C SER B 82 4.55 -14.10 3.90
N LEU B 83 4.11 -15.32 4.15
CA LEU B 83 4.21 -15.88 5.50
C LEU B 83 4.74 -17.31 5.49
N LEU B 84 4.96 -17.82 6.69
CA LEU B 84 5.46 -19.17 6.90
C LEU B 84 4.41 -20.03 7.56
N GLU B 85 4.28 -21.26 7.09
CA GLU B 85 3.42 -22.23 7.75
C GLU B 85 4.27 -23.32 8.40
N VAL B 86 4.12 -23.50 9.71
CA VAL B 86 4.79 -24.58 10.41
C VAL B 86 3.79 -25.62 10.87
N ASN B 87 3.96 -26.86 10.42
CA ASN B 87 2.97 -27.88 10.66
C ASN B 87 3.59 -29.15 11.19
N GLU B 88 2.86 -30.25 11.15
CA GLU B 88 3.36 -31.53 11.66
C GLU B 88 4.59 -32.01 10.96
N GLU B 89 4.68 -31.76 9.67
CA GLU B 89 5.87 -32.12 8.93
C GLU B 89 7.06 -31.21 9.19
N SER B 90 6.82 -30.08 9.85
CA SER B 90 7.88 -29.09 10.05
C SER B 90 8.71 -29.50 11.25
N THR B 91 9.98 -29.11 11.28
CA THR B 91 10.78 -29.41 12.46
C THR B 91 11.30 -28.13 13.10
N VAL B 92 10.97 -27.93 14.37
CA VAL B 92 11.39 -26.78 15.16
C VAL B 92 12.31 -27.24 16.27
N SER B 93 13.43 -26.56 16.43
CA SER B 93 14.36 -26.89 17.51
C SER B 93 14.84 -25.64 18.23
N GLU B 94 15.56 -25.85 19.32
CA GLU B 94 16.06 -24.74 20.11
C GLU B 94 17.55 -24.61 19.89
N ALA B 95 18.07 -23.39 20.01
CA ALA B 95 19.49 -23.13 19.75
C ALA B 95 20.30 -23.14 21.04
N GLY B 96 19.76 -22.49 22.07
CA GLY B 96 20.47 -22.34 23.33
C GLY B 96 20.10 -21.08 24.07
N PRO B 97 20.90 -20.73 25.08
CA PRO B 97 20.61 -19.73 26.12
C PRO B 97 20.79 -18.18 25.97
N GLN B 99 22.59 -18.26 24.83
CA GLN B 99 22.89 -18.15 23.42
C GLN B 99 21.71 -17.62 22.63
N THR B 100 21.75 -16.32 22.39
CA THR B 100 20.66 -15.63 21.73
C THR B 100 21.23 -14.45 21.01
N PHE B 101 20.41 -13.85 20.15
CA PHE B 101 20.74 -12.60 19.50
C PHE B 101 19.55 -11.66 19.54
N GLU B 102 19.80 -10.38 19.36
CA GLU B 102 18.73 -9.39 19.39
C GLU B 102 18.45 -8.82 18.01
N VAL B 103 17.21 -8.40 17.80
CA VAL B 103 16.78 -7.95 16.48
C VAL B 103 16.65 -6.41 16.39
N PRO B 104 17.13 -5.82 15.27
CA PRO B 104 17.06 -4.37 15.04
C PRO B 104 15.66 -3.80 15.20
N ASN B 105 15.55 -2.62 15.83
CA ASN B 105 14.24 -2.03 16.10
C ASN B 105 13.43 -1.67 14.86
N LYS B 106 14.11 -1.33 13.76
CA LYS B 106 13.46 -1.13 12.46
C LYS B 106 12.54 -2.33 12.18
N ILE B 107 13.13 -3.51 12.26
CA ILE B 107 12.44 -4.75 11.95
C ILE B 107 11.33 -5.04 12.96
N ILE B 108 11.59 -4.81 14.24
CA ILE B 108 10.55 -5.01 15.26
C ILE B 108 9.32 -4.15 14.97
N ASN B 109 9.54 -2.84 14.80
CA ASN B 109 8.47 -1.89 14.56
C ASN B 109 7.72 -2.21 13.28
N ARG B 110 8.47 -2.62 12.26
CA ARG B 110 7.88 -3.07 11.00
C ARG B 110 6.98 -4.30 11.22
N ALA B 111 7.43 -5.24 12.03
CA ALA B 111 6.64 -6.44 12.29
C ALA B 111 5.38 -6.14 13.08
N LYS B 112 5.41 -5.11 13.91
CA LYS B 112 4.22 -4.69 14.67
C LYS B 112 3.35 -3.65 13.96
N GLU B 113 3.84 -3.13 12.85
CA GLU B 113 3.18 -2.06 12.11
C GLU B 113 1.78 -2.43 11.59
N THR B 114 0.90 -1.42 11.60
CA THR B 114 -0.45 -1.52 11.02
C THR B 114 -0.59 -0.47 9.93
N LEU B 115 -0.92 -0.93 8.73
CA LEU B 115 -1.04 -0.04 7.57
C LEU B 115 -2.25 0.87 7.74
N LYS B 116 -2.18 2.06 7.16
CA LYS B 116 -3.29 3.01 7.21
C LYS B 116 -4.37 2.62 6.21
N ILE B 117 -5.63 2.90 6.54
CA ILE B 117 -6.74 2.42 5.73
C ILE B 117 -6.72 3.01 4.30
N ASP B 118 -6.31 4.26 4.17
CA ASP B 118 -6.21 4.85 2.82
C ASP B 118 -5.22 4.07 1.96
N ILE B 119 -4.16 3.57 2.58
CA ILE B 119 -3.19 2.75 1.87
C ILE B 119 -3.75 1.38 1.55
N LEU B 120 -4.44 0.80 2.52
CA LEU B 120 -5.09 -0.50 2.38
C LEU B 120 -6.07 -0.52 1.19
N HIS B 121 -6.85 0.55 1.04
CA HIS B 121 -7.75 0.71 -0.12
C HIS B 121 -7.04 0.65 -1.47
N LYS B 122 -5.74 0.98 -1.49
CA LYS B 122 -4.93 0.95 -2.71
C LYS B 122 -4.15 -0.37 -2.92
N GLN B 123 -4.30 -1.30 -1.99
CA GLN B 123 -3.56 -2.56 -2.01
C GLN B 123 -4.15 -3.59 -2.95
N ALA B 124 -3.31 -4.46 -3.48
CA ALA B 124 -3.75 -5.49 -4.42
C ALA B 124 -4.63 -6.55 -3.78
N SER B 125 -5.69 -6.93 -4.48
CA SER B 125 -6.52 -8.05 -4.07
C SER B 125 -5.67 -9.31 -3.87
N GLY B 126 -5.98 -10.06 -2.81
CA GLY B 126 -5.29 -11.30 -2.51
C GLY B 126 -4.25 -11.23 -1.42
N ASN B 127 -3.86 -10.01 -1.06
CA ASN B 127 -2.92 -9.77 0.04
C ASN B 127 -3.43 -10.25 1.36
N ILE B 128 -2.50 -10.68 2.21
CA ILE B 128 -2.80 -11.02 3.58
C ILE B 128 -2.51 -9.80 4.44
N VAL B 129 -3.43 -9.51 5.35
CA VAL B 129 -3.32 -8.33 6.20
C VAL B 129 -3.35 -8.67 7.69
N TYR B 130 -2.41 -8.09 8.43
CA TYR B 130 -2.38 -8.13 9.89
C TYR B 130 -2.44 -6.69 10.39
N GLY B 131 -3.08 -6.45 11.54
CA GLY B 131 -3.10 -5.10 12.09
C GLY B 131 -4.10 -4.85 13.20
N VAL B 132 -4.08 -3.64 13.76
CA VAL B 132 -5.03 -3.25 14.81
C VAL B 132 -5.87 -2.08 14.36
N PHE B 133 -7.20 -2.19 14.51
CA PHE B 133 -8.11 -1.17 14.01
C PHE B 133 -9.21 -0.87 15.03
N MET B 134 -9.86 0.27 14.91
CA MET B 134 -10.94 0.61 15.83
C MET B 134 -12.32 0.23 15.29
N LEU B 135 -13.12 -0.46 16.09
CA LEU B 135 -14.47 -0.80 15.67
C LEU B 135 -15.39 0.40 15.81
N HIS B 136 -16.10 0.70 14.73
CA HIS B 136 -17.02 1.83 14.69
C HIS B 136 -18.47 1.36 14.71
N LYS B 137 -18.72 0.19 14.11
CA LYS B 137 -20.07 -0.31 13.94
C LYS B 137 -19.99 -1.80 13.62
N LYS B 138 -21.01 -2.54 14.07
CA LYS B 138 -21.04 -3.98 13.89
C LYS B 138 -22.45 -4.44 13.56
N THR B 139 -22.54 -5.44 12.69
CA THR B 139 -23.83 -6.03 12.34
C THR B 139 -23.65 -7.53 12.32
N VAL B 140 -24.15 -8.20 13.36
CA VAL B 140 -24.06 -9.65 13.40
C VAL B 140 -25.23 -10.21 12.62
N ASN B 141 -24.92 -10.77 11.46
CA ASN B 141 -25.91 -11.53 10.71
C ASN B 141 -25.81 -12.98 11.17
N GLN B 142 -26.50 -13.89 10.49
CA GLN B 142 -26.59 -15.26 10.97
C GLN B 142 -25.25 -16.02 10.91
N LYS B 143 -24.63 -16.05 9.74
CA LYS B 143 -23.38 -16.78 9.57
C LYS B 143 -22.17 -15.86 9.50
N THR B 144 -22.40 -14.58 9.24
CA THR B 144 -21.30 -13.65 9.02
C THR B 144 -21.49 -12.42 9.91
N THR B 145 -20.40 -11.73 10.23
CA THR B 145 -20.48 -10.48 11.00
C THR B 145 -19.66 -9.41 10.29
N ILE B 146 -20.32 -8.31 9.91
CA ILE B 146 -19.63 -7.18 9.28
C ILE B 146 -19.16 -6.17 10.33
N TYR B 147 -17.85 -6.14 10.56
CA TYR B 147 -17.24 -5.17 11.45
C TYR B 147 -16.81 -3.95 10.67
N GLU B 148 -17.35 -2.78 10.99
CA GLU B 148 -16.90 -1.57 10.31
C GLU B 148 -15.73 -0.98 11.07
N ILE B 149 -14.54 -1.04 10.49
CA ILE B 149 -13.34 -0.52 11.15
C ILE B 149 -12.92 0.86 10.63
N GLN B 150 -12.20 1.60 11.47
CA GLN B 150 -11.98 3.03 11.27
C GLN B 150 -10.60 3.48 11.70
N ASP B 151 -10.06 4.50 11.01
CA ASP B 151 -8.89 5.23 11.48
C ASP B 151 -8.92 6.67 10.98
N ASP B 152 -7.81 7.40 11.17
CA ASP B 152 -7.74 8.81 10.79
C ASP B 152 -7.60 9.05 9.29
N ARG B 153 -7.62 7.98 8.50
CA ARG B 153 -7.41 8.09 7.07
C ARG B 153 -8.57 7.56 6.24
N GLY B 154 -9.43 6.77 6.86
CA GLY B 154 -10.56 6.18 6.18
C GLY B 154 -11.25 5.11 7.00
N LYS B 155 -12.17 4.38 6.39
CA LYS B 155 -12.85 3.27 7.05
C LYS B 155 -13.14 2.15 6.08
N MET B 156 -13.40 0.94 6.59
CA MET B 156 -13.67 -0.21 5.71
C MET B 156 -14.30 -1.40 6.43
N ASP B 157 -14.91 -2.28 5.64
CA ASP B 157 -15.63 -3.44 6.19
C ASP B 157 -14.74 -4.67 6.38
N VAL B 158 -14.94 -5.35 7.50
CA VAL B 158 -14.28 -6.62 7.79
C VAL B 158 -15.31 -7.72 7.99
N VAL B 159 -15.35 -8.67 7.06
CA VAL B 159 -16.32 -9.75 7.10
C VAL B 159 -15.73 -10.96 7.83
N GLY B 160 -16.35 -11.31 8.94
CA GLY B 160 -15.89 -12.41 9.76
C GLY B 160 -16.84 -13.60 9.72
N THR B 161 -16.28 -14.78 9.43
CA THR B 161 -17.04 -16.03 9.54
C THR B 161 -16.26 -16.97 10.45
N GLY B 162 -16.88 -18.09 10.80
CA GLY B 162 -16.26 -19.08 11.67
C GLY B 162 -15.87 -18.52 13.03
N GLN B 163 -14.61 -18.76 13.41
CA GLN B 163 -14.07 -18.25 14.67
C GLN B 163 -14.05 -16.73 14.71
N CYS B 164 -14.26 -16.12 13.55
CA CYS B 164 -14.29 -14.67 13.43
C CYS B 164 -15.71 -14.15 13.30
N HIS B 165 -16.69 -15.04 13.46
CA HIS B 165 -18.09 -14.67 13.47
C HIS B 165 -18.55 -14.38 14.90
N ASN B 166 -19.35 -13.34 15.07
CA ASN B 166 -20.05 -13.05 16.32
C ASN B 166 -19.17 -12.86 17.55
N ILE B 167 -18.01 -12.28 17.35
CA ILE B 167 -17.12 -12.05 18.45
C ILE B 167 -17.73 -11.01 19.33
N PRO B 168 -17.38 -11.12 20.68
CA PRO B 168 -18.00 -10.11 21.52
C PRO B 168 -17.20 -8.83 21.44
N CYS B 169 -17.84 -7.75 21.03
CA CYS B 169 -17.15 -6.49 21.01
C CYS B 169 -18.14 -5.36 20.86
N GLU B 170 -17.73 -4.17 21.24
CA GLU B 170 -18.61 -3.02 21.09
C GLU B 170 -17.87 -1.87 20.47
N GLU B 171 -18.61 -0.92 19.95
CA GLU B 171 -18.04 0.16 19.20
C GLU B 171 -17.04 0.83 20.07
N GLY B 172 -15.99 1.32 19.45
CA GLY B 172 -14.91 1.99 20.13
C GLY B 172 -13.77 1.06 20.53
N ASP B 173 -14.09 -0.22 20.71
CA ASP B 173 -13.09 -1.24 21.01
C ASP B 173 -12.09 -1.35 19.87
N LYS B 174 -10.88 -1.84 20.17
CA LYS B 174 -9.89 -2.11 19.12
C LYS B 174 -9.75 -3.60 18.83
N LEU B 175 -9.83 -3.95 17.54
CA LEU B 175 -9.74 -5.32 17.12
C LEU B 175 -8.36 -5.56 16.50
N GLN B 176 -7.68 -6.60 16.96
CA GLN B 176 -6.44 -7.01 16.33
C GLN B 176 -6.72 -8.19 15.42
N LEU B 177 -6.38 -8.01 14.15
CA LEU B 177 -6.68 -8.98 13.11
C LEU B 177 -5.43 -9.77 12.74
N PHE B 178 -5.63 -11.05 12.50
CA PHE B 178 -4.56 -11.89 12.03
C PHE B 178 -4.99 -12.62 10.79
N CYS B 179 -4.16 -12.60 9.77
CA CYS B 179 -4.34 -13.42 8.61
C CYS B 179 -5.62 -13.23 7.84
N PHE B 180 -6.03 -12.00 7.66
CA PHE B 180 -7.17 -11.70 6.82
C PHE B 180 -6.81 -11.58 5.36
N ARG B 181 -7.77 -11.83 4.49
CA ARG B 181 -7.56 -11.71 3.05
C ARG B 181 -8.17 -10.41 2.53
N LEU B 182 -7.40 -9.63 1.78
CA LEU B 182 -7.90 -8.37 1.25
C LEU B 182 -8.58 -8.60 -0.09
N ARG B 183 -9.79 -8.10 -0.22
CA ARG B 183 -10.53 -8.22 -1.44
C ARG B 183 -11.15 -6.91 -1.84
N LYS B 184 -11.53 -6.76 -3.10
CA LYS B 184 -12.00 -5.47 -3.60
C LYS B 184 -13.47 -5.42 -3.91
N LYS B 185 -14.16 -4.43 -3.39
CA LYS B 185 -15.50 -4.08 -3.81
C LYS B 185 -15.75 -2.69 -3.36
N ASN B 186 -16.39 -1.87 -4.15
CA ASN B 186 -16.30 -1.85 -5.57
C ASN B 186 -15.23 -0.82 -5.72
N GLN B 187 -14.03 -1.22 -6.07
CA GLN B 187 -12.92 -0.30 -6.15
C GLN B 187 -12.39 0.09 -4.79
N MET B 188 -12.79 -0.63 -3.76
CA MET B 188 -12.24 -0.38 -2.44
C MET B 188 -11.96 -1.66 -1.71
N SER B 189 -11.01 -1.65 -0.80
CA SER B 189 -10.71 -2.82 -0.02
C SER B 189 -11.69 -3.18 1.07
N LYS B 190 -11.81 -4.49 1.30
CA LYS B 190 -12.45 -5.04 2.49
C LYS B 190 -11.60 -6.22 2.97
N LEU B 191 -11.70 -6.53 4.26
CA LEU B 191 -10.93 -7.63 4.85
C LEU B 191 -11.81 -8.83 5.17
N ILE B 192 -11.49 -9.96 4.57
CA ILE B 192 -12.29 -11.17 4.71
C ILE B 192 -11.61 -12.24 5.58
N SER B 193 -12.35 -12.77 6.56
CA SER B 193 -11.90 -13.88 7.39
C SER B 193 -11.80 -15.17 6.59
N GLU B 194 -10.73 -15.93 6.83
CA GLU B 194 -10.56 -17.23 6.18
C GLU B 194 -10.29 -18.28 7.26
N MET B 195 -9.97 -19.50 6.83
CA MET B 195 -9.76 -20.63 7.72
C MET B 195 -8.88 -20.34 8.94
N HIS B 196 -7.74 -19.70 8.70
CA HIS B 196 -6.79 -19.46 9.78
C HIS B 196 -6.83 -18.05 10.35
N SER B 197 -7.86 -17.28 10.00
CA SER B 197 -7.95 -15.90 10.47
C SER B 197 -8.33 -15.83 11.93
N PHE B 198 -7.93 -14.77 12.60
CA PHE B 198 -8.23 -14.64 14.01
C PHE B 198 -8.48 -13.19 14.39
N ILE B 199 -9.35 -12.97 15.36
CA ILE B 199 -9.61 -11.64 15.89
C ILE B 199 -9.51 -11.65 17.40
N GLN B 200 -8.58 -10.87 17.94
CA GLN B 200 -8.48 -10.70 19.39
C GLN B 200 -8.77 -9.25 19.84
N ILE B 201 -9.28 -9.08 21.05
CA ILE B 201 -9.69 -7.75 21.50
C ILE B 201 -8.62 -7.07 22.36
N LYS B 202 -8.61 -5.74 22.36
CA LYS B 202 -7.79 -4.94 23.27
C LYS B 202 -8.65 -3.85 23.90
#